data_2ZJ4
#
_entry.id   2ZJ4
#
_cell.length_a   78.927
_cell.length_b   78.927
_cell.length_c   277.323
_cell.angle_alpha   90.00
_cell.angle_beta   90.00
_cell.angle_gamma   90.00
#
_symmetry.space_group_name_H-M   'I 41 2 2'
#
loop_
_entity.id
_entity.type
_entity.pdbx_description
1 polymer 'Glucosamine--fructose-6-phosphate aminotransferase [isomerizing] 1'
2 non-polymer '2-DEOXY-2-AMINO GLUCITOL-6-PHOSPHATE'
3 water water
#
_entity_poly.entity_id   1
_entity_poly.type   'polypeptide(L)'
_entity_poly.pdbx_seq_one_letter_code
;MHHHHHHQQIMKGNFSSFMQKEIFEQPESVVNTMRGRVNFDDYTVNLGGLKDHIKEIQRCRRLILIACGTSYHAGVATRQ
VLEELTELPVMVELASDFLDRNTPVFRDDVCFFLSQSGETADTLMGLRYCKERGALTVGITNTVGSSISRETDCGVHINA
GPEIGVASTKAYTSQFVSLVMFALMMCDDRISMQERRKEIMLGLKRLPDLIKEVLSMDDEIQKLATELYHQKSVLIMGRG
YHYATCLEGALKIKEITYMHSEGILAGELKHGPLALVDKLMPVIMIIMRDHTYAKCQNALQQVVARQGRPVVICDKEDTE
TIKNTKRTIKVPHSVDCLQGILSVIPLQLLAFHLAVLRGYDVDFPRNLAKSVTVE
;
_entity_poly.pdbx_strand_id   A
#
loop_
_chem_comp.id
_chem_comp.type
_chem_comp.name
_chem_comp.formula
AGP non-polymer '2-DEOXY-2-AMINO GLUCITOL-6-PHOSPHATE' 'C6 H16 N O8 P'
#
# COMPACT_ATOMS: atom_id res chain seq x y z
N MET A 11 -11.27 -23.27 5.33
CA MET A 11 -10.41 -24.02 4.34
C MET A 11 -9.96 -23.16 3.18
N LYS A 12 -8.74 -23.47 2.72
CA LYS A 12 -8.02 -22.74 1.68
C LYS A 12 -8.04 -23.55 0.37
N GLY A 13 -8.78 -24.67 0.41
CA GLY A 13 -8.85 -25.65 -0.69
C GLY A 13 -8.51 -25.11 -2.07
N ASN A 14 -7.43 -25.67 -2.65
CA ASN A 14 -6.79 -25.25 -3.90
C ASN A 14 -5.42 -24.59 -3.62
N PHE A 15 -5.25 -24.02 -2.44
CA PHE A 15 -3.97 -23.42 -2.04
C PHE A 15 -3.38 -24.13 -0.80
N SER A 16 -2.06 -24.23 -0.73
CA SER A 16 -1.41 -24.78 0.45
C SER A 16 -1.29 -23.77 1.60
N SER A 17 -1.54 -22.48 1.33
CA SER A 17 -1.58 -21.48 2.40
C SER A 17 -2.71 -20.46 2.20
N PHE A 18 -3.12 -19.86 3.33
CA PHE A 18 -4.03 -18.70 3.33
C PHE A 18 -3.44 -17.50 2.60
N MET A 19 -2.17 -17.20 2.87
CA MET A 19 -1.53 -16.05 2.25
C MET A 19 -1.52 -16.15 0.71
N GLN A 20 -1.18 -17.32 0.16
CA GLN A 20 -1.13 -17.38 -1.32
C GLN A 20 -2.56 -17.27 -1.85
N LYS A 21 -3.52 -17.88 -1.19
CA LYS A 21 -4.91 -17.74 -1.59
C LYS A 21 -5.39 -16.26 -1.58
N GLU A 22 -4.99 -15.53 -0.53
CA GLU A 22 -5.32 -14.11 -0.36
C GLU A 22 -4.68 -13.23 -1.42
N ILE A 23 -3.45 -13.51 -1.78
CA ILE A 23 -2.79 -12.83 -2.87
C ILE A 23 -3.51 -13.01 -4.22
N PHE A 24 -3.85 -14.29 -4.52
CA PHE A 24 -4.49 -14.64 -5.81
C PHE A 24 -5.95 -14.28 -5.82
N GLU A 25 -6.51 -13.93 -4.66
CA GLU A 25 -7.88 -13.42 -4.56
C GLU A 25 -8.03 -11.93 -4.97
N GLN A 26 -6.92 -11.23 -5.23
CA GLN A 26 -6.97 -9.77 -5.36
C GLN A 26 -7.76 -9.22 -6.57
N PRO A 27 -7.87 -9.98 -7.72
CA PRO A 27 -8.84 -9.55 -8.74
C PRO A 27 -10.29 -9.44 -8.19
N GLU A 28 -10.71 -10.42 -7.39
CA GLU A 28 -12.01 -10.41 -6.75
C GLU A 28 -12.15 -9.49 -5.55
N SER A 29 -11.12 -9.36 -4.68
CA SER A 29 -11.23 -8.48 -3.51
C SER A 29 -11.33 -7.01 -3.98
N VAL A 30 -10.62 -6.66 -5.01
CA VAL A 30 -10.70 -5.29 -5.55
C VAL A 30 -12.17 -5.02 -6.08
N VAL A 31 -12.70 -5.98 -6.85
CA VAL A 31 -14.11 -5.88 -7.31
C VAL A 31 -15.03 -5.79 -6.09
N ASN A 32 -14.85 -6.65 -5.09
CA ASN A 32 -15.65 -6.55 -3.88
C ASN A 32 -15.59 -5.20 -3.12
N THR A 33 -14.40 -4.59 -3.13
CA THR A 33 -14.23 -3.30 -2.47
C THR A 33 -15.03 -2.20 -3.19
N MET A 34 -15.11 -2.27 -4.52
CA MET A 34 -15.77 -1.26 -5.34
C MET A 34 -17.26 -1.53 -5.61
N ARG A 35 -17.74 -2.71 -5.19
CA ARG A 35 -19.12 -3.18 -5.46
C ARG A 35 -20.18 -2.33 -4.78
N GLY A 36 -21.22 -1.97 -5.55
CA GLY A 36 -22.26 -1.08 -5.02
C GLY A 36 -21.76 0.34 -4.74
N ARG A 37 -20.57 0.72 -5.25
CA ARG A 37 -19.90 1.98 -4.87
C ARG A 37 -19.47 2.80 -6.04
N VAL A 38 -18.78 2.18 -6.98
CA VAL A 38 -18.33 2.80 -8.22
C VAL A 38 -19.22 2.33 -9.40
N ASN A 39 -19.85 3.29 -10.07
CA ASN A 39 -20.67 3.02 -11.24
C ASN A 39 -19.89 3.46 -12.47
N PHE A 40 -19.53 2.51 -13.32
CA PHE A 40 -18.66 2.81 -14.44
C PHE A 40 -19.46 3.44 -15.60
N ASP A 41 -20.76 3.15 -15.68
CA ASP A 41 -21.61 3.79 -16.71
C ASP A 41 -21.68 5.30 -16.62
N ASP A 42 -21.70 5.89 -15.43
CA ASP A 42 -21.82 7.34 -15.31
C ASP A 42 -20.75 7.98 -14.45
N TYR A 43 -19.65 7.27 -14.22
CA TYR A 43 -18.52 7.80 -13.43
C TYR A 43 -18.87 8.42 -12.11
N THR A 44 -19.67 7.71 -11.34
CA THR A 44 -20.08 8.15 -10.03
C THR A 44 -19.49 7.19 -8.98
N VAL A 45 -19.13 7.75 -7.82
CA VAL A 45 -18.72 6.95 -6.68
C VAL A 45 -19.46 7.44 -5.47
N ASN A 46 -19.97 6.48 -4.70
CA ASN A 46 -20.75 6.77 -3.54
C ASN A 46 -20.40 5.82 -2.41
N LEU A 47 -19.76 6.33 -1.36
CA LEU A 47 -19.50 5.53 -0.20
C LEU A 47 -20.60 5.85 0.77
N GLY A 48 -21.60 4.99 0.82
CA GLY A 48 -22.77 5.22 1.67
C GLY A 48 -22.45 5.44 3.12
N GLY A 49 -21.47 4.71 3.64
CA GLY A 49 -20.97 4.93 5.00
C GLY A 49 -20.48 6.33 5.31
N LEU A 50 -20.17 7.11 4.26
CA LEU A 50 -19.72 8.52 4.37
C LEU A 50 -20.74 9.53 3.82
N LYS A 51 -21.90 9.04 3.31
CA LYS A 51 -22.90 9.89 2.60
C LYS A 51 -23.37 11.05 3.45
N ASP A 52 -23.78 10.78 4.67
CA ASP A 52 -24.15 11.85 5.57
C ASP A 52 -22.97 12.86 5.75
N HIS A 53 -21.88 12.40 6.35
CA HIS A 53 -20.74 13.24 6.77
C HIS A 53 -19.83 13.86 5.71
N ILE A 54 -19.97 13.53 4.42
CA ILE A 54 -19.03 14.05 3.39
C ILE A 54 -18.91 15.58 3.34
N LYS A 55 -20.04 16.26 3.50
CA LYS A 55 -20.06 17.73 3.39
C LYS A 55 -19.33 18.36 4.57
N GLU A 56 -19.60 17.90 5.79
CA GLU A 56 -18.79 18.26 6.99
C GLU A 56 -17.26 18.03 6.78
N ILE A 57 -16.90 16.89 6.15
CA ILE A 57 -15.48 16.55 5.91
C ILE A 57 -14.85 17.59 5.00
N GLN A 58 -15.61 18.04 4.01
CA GLN A 58 -15.08 19.05 3.06
C GLN A 58 -14.93 20.41 3.72
N ARG A 59 -15.62 20.66 4.83
CA ARG A 59 -15.36 21.87 5.63
C ARG A 59 -14.03 21.83 6.43
N CYS A 60 -13.50 20.65 6.71
CA CYS A 60 -12.34 20.53 7.59
C CYS A 60 -11.09 21.09 6.90
N ARG A 61 -10.08 21.41 7.68
CA ARG A 61 -8.88 22.07 7.19
C ARG A 61 -7.62 21.19 7.00
N ARG A 62 -7.65 19.97 7.53
CA ARG A 62 -6.53 19.07 7.45
C ARG A 62 -7.03 17.61 7.60
N LEU A 63 -6.46 16.69 6.82
CA LEU A 63 -6.63 15.24 7.00
C LEU A 63 -5.41 14.65 7.71
N ILE A 64 -5.65 13.96 8.82
CA ILE A 64 -4.62 13.16 9.50
C ILE A 64 -4.95 11.67 9.41
N LEU A 65 -4.01 10.88 8.92
CA LEU A 65 -4.18 9.45 8.71
C LEU A 65 -3.32 8.76 9.79
N ILE A 66 -3.96 8.00 10.68
CA ILE A 66 -3.34 7.41 11.85
C ILE A 66 -3.43 5.86 11.81
N ALA A 67 -2.29 5.18 11.85
CA ALA A 67 -2.24 3.72 11.74
C ALA A 67 -0.90 3.11 12.12
N CYS A 68 -0.88 1.77 12.13
CA CYS A 68 0.32 0.97 12.39
C CYS A 68 0.70 0.08 11.20
N GLY A 69 1.99 -0.22 11.08
CA GLY A 69 2.47 -1.17 10.08
C GLY A 69 1.93 -1.03 8.66
N THR A 70 1.39 -2.12 8.12
CA THR A 70 0.90 -2.09 6.75
C THR A 70 -0.30 -1.11 6.55
N SER A 71 -1.14 -0.95 7.54
CA SER A 71 -2.24 0.04 7.46
C SER A 71 -1.68 1.47 7.33
N TYR A 72 -0.59 1.75 8.07
CA TYR A 72 0.23 2.95 7.87
C TYR A 72 0.74 3.10 6.46
N HIS A 73 1.31 2.03 5.90
CA HIS A 73 1.75 2.12 4.48
C HIS A 73 0.65 2.47 3.47
N ALA A 74 -0.59 2.01 3.70
CA ALA A 74 -1.73 2.31 2.80
C ALA A 74 -2.00 3.85 2.75
N GLY A 75 -1.76 4.50 3.89
CA GLY A 75 -1.76 6.00 3.97
C GLY A 75 -0.64 6.66 3.21
N VAL A 76 0.56 6.14 3.38
CA VAL A 76 1.72 6.67 2.64
C VAL A 76 1.49 6.52 1.15
N ALA A 77 0.81 5.43 0.78
CA ALA A 77 0.58 5.08 -0.64
C ALA A 77 -0.49 5.97 -1.31
N THR A 78 -1.36 6.60 -0.53
CA THR A 78 -2.47 7.38 -1.09
C THR A 78 -2.37 8.89 -0.70
N ARG A 79 -1.27 9.26 -0.04
CA ARG A 79 -1.11 10.60 0.49
C ARG A 79 -1.14 11.62 -0.63
N GLN A 80 -0.33 11.39 -1.65
CA GLN A 80 -0.15 12.34 -2.72
C GLN A 80 -1.45 12.55 -3.48
N VAL A 81 -2.21 11.49 -3.71
CA VAL A 81 -3.46 11.65 -4.46
C VAL A 81 -4.53 12.28 -3.56
N LEU A 82 -4.44 12.05 -2.27
CA LEU A 82 -5.30 12.76 -1.34
C LEU A 82 -4.96 14.27 -1.35
N GLU A 83 -3.69 14.61 -1.32
CA GLU A 83 -3.30 16.02 -1.43
C GLU A 83 -3.82 16.61 -2.77
N GLU A 84 -3.63 15.86 -3.86
CA GLU A 84 -3.92 16.33 -5.20
C GLU A 84 -5.36 16.71 -5.35
N LEU A 85 -6.24 15.83 -4.86
CA LEU A 85 -7.66 15.87 -5.17
C LEU A 85 -8.46 16.60 -4.09
N THR A 86 -7.99 16.56 -2.85
CA THR A 86 -8.64 17.32 -1.77
C THR A 86 -8.03 18.71 -1.67
N GLU A 87 -6.78 18.88 -2.09
CA GLU A 87 -6.05 20.15 -1.87
C GLU A 87 -5.85 20.55 -0.40
N LEU A 88 -6.15 19.61 0.49
CA LEU A 88 -5.92 19.74 1.92
C LEU A 88 -4.50 19.29 2.28
N PRO A 89 -3.92 19.82 3.37
CA PRO A 89 -2.72 19.18 3.95
C PRO A 89 -3.07 17.78 4.46
N VAL A 90 -2.19 16.81 4.23
CA VAL A 90 -2.38 15.41 4.66
C VAL A 90 -1.17 14.99 5.43
N MET A 91 -1.37 14.60 6.69
CA MET A 91 -0.34 14.15 7.62
C MET A 91 -0.61 12.66 7.83
N VAL A 92 0.44 11.84 7.77
CA VAL A 92 0.36 10.39 7.96
C VAL A 92 1.23 10.07 9.18
N GLU A 93 0.66 9.36 10.14
CA GLU A 93 1.29 9.22 11.46
C GLU A 93 1.28 7.77 11.93
N LEU A 94 2.41 7.23 12.36
CA LEU A 94 2.47 6.01 13.13
C LEU A 94 1.83 6.23 14.48
N ALA A 95 0.86 5.37 14.80
CA ALA A 95 0.02 5.62 15.98
C ALA A 95 0.79 5.68 17.30
N SER A 96 1.78 4.81 17.51
CA SER A 96 2.53 4.80 18.75
C SER A 96 3.23 6.16 18.99
N ASP A 97 3.78 6.74 17.93
CA ASP A 97 4.54 8.00 18.04
C ASP A 97 3.60 9.22 18.19
N PHE A 98 2.49 9.16 17.48
CA PHE A 98 1.40 10.16 17.54
C PHE A 98 1.02 10.38 19.00
N LEU A 99 0.86 9.26 19.72
CA LEU A 99 0.55 9.29 21.13
C LEU A 99 1.74 9.74 22.01
N ASP A 100 2.96 9.24 21.76
CA ASP A 100 4.11 9.66 22.58
C ASP A 100 4.27 11.20 22.52
N ARG A 101 4.06 11.83 21.36
CA ARG A 101 4.28 13.26 21.25
C ARG A 101 3.14 14.18 21.70
N ASN A 102 1.99 13.62 22.11
CA ASN A 102 0.86 14.48 22.44
C ASN A 102 0.62 15.43 21.26
N THR A 103 0.51 14.84 20.07
CA THR A 103 0.34 15.55 18.85
C THR A 103 -0.88 16.50 18.98
N PRO A 104 -0.69 17.76 18.60
CA PRO A 104 -1.77 18.75 18.52
C PRO A 104 -2.84 18.34 17.52
N VAL A 105 -4.08 18.19 17.99
CA VAL A 105 -5.21 18.01 17.07
C VAL A 105 -6.32 19.00 17.40
N PHE A 106 -7.01 19.45 16.35
CA PHE A 106 -7.97 20.58 16.44
C PHE A 106 -9.40 20.15 16.09
N ARG A 107 -10.34 20.99 16.46
CA ARG A 107 -11.74 20.76 16.18
C ARG A 107 -12.03 20.64 14.70
N ASP A 108 -11.30 21.31 13.84
CA ASP A 108 -11.60 21.18 12.40
C ASP A 108 -10.66 20.20 11.68
N ASP A 109 -10.05 19.29 12.44
CA ASP A 109 -9.27 18.15 11.86
C ASP A 109 -10.23 17.00 11.55
N VAL A 110 -10.04 16.33 10.40
CA VAL A 110 -10.67 15.02 10.18
C VAL A 110 -9.57 13.97 10.27
N CYS A 111 -9.79 12.96 11.13
CA CYS A 111 -8.78 11.99 11.48
C CYS A 111 -9.27 10.62 10.99
N PHE A 112 -8.44 9.94 10.20
CA PHE A 112 -8.75 8.62 9.63
C PHE A 112 -7.95 7.57 10.36
N PHE A 113 -8.60 6.45 10.69
CA PHE A 113 -8.00 5.35 11.44
C PHE A 113 -8.09 4.12 10.53
N LEU A 114 -6.92 3.68 10.09
CA LEU A 114 -6.84 2.63 9.10
C LEU A 114 -6.45 1.34 9.85
N SER A 115 -7.25 0.29 9.73
CA SER A 115 -6.98 -0.96 10.50
C SER A 115 -7.72 -2.18 9.92
N GLN A 116 -6.98 -3.19 9.45
CA GLN A 116 -7.59 -4.47 9.05
C GLN A 116 -8.44 -5.06 10.18
N SER A 117 -7.86 -5.22 11.36
CA SER A 117 -8.51 -5.90 12.49
C SER A 117 -9.56 -5.04 13.16
N GLY A 118 -9.37 -3.72 13.17
CA GLY A 118 -10.21 -2.82 13.95
C GLY A 118 -9.98 -2.86 15.44
N GLU A 119 -8.98 -3.61 15.94
CA GLU A 119 -8.71 -3.71 17.38
C GLU A 119 -7.26 -3.32 17.82
N THR A 120 -6.41 -2.91 16.87
CA THR A 120 -5.02 -2.49 17.18
C THR A 120 -4.97 -1.43 18.29
N ALA A 121 -4.26 -1.74 19.41
CA ALA A 121 -4.35 -0.92 20.64
C ALA A 121 -3.92 0.54 20.41
N ASP A 122 -2.85 0.76 19.67
CA ASP A 122 -2.34 2.12 19.52
C ASP A 122 -3.23 2.92 18.58
N THR A 123 -3.80 2.28 17.56
CA THR A 123 -4.67 2.98 16.60
C THR A 123 -5.99 3.39 17.31
N LEU A 124 -6.48 2.51 18.19
CA LEU A 124 -7.70 2.71 18.96
C LEU A 124 -7.51 3.79 20.03
N MET A 125 -6.40 3.79 20.75
CA MET A 125 -6.09 4.87 21.68
C MET A 125 -5.86 6.18 20.93
N GLY A 126 -5.30 6.11 19.73
CA GLY A 126 -5.23 7.29 18.86
C GLY A 126 -6.61 7.88 18.56
N LEU A 127 -7.52 7.01 18.17
CA LEU A 127 -8.94 7.36 17.94
C LEU A 127 -9.57 8.08 19.17
N ARG A 128 -9.48 7.47 20.34
CA ARG A 128 -10.05 8.10 21.57
C ARG A 128 -9.41 9.44 21.92
N TYR A 129 -8.09 9.53 21.77
CA TYR A 129 -7.40 10.85 21.90
C TYR A 129 -8.00 11.94 20.99
N CYS A 130 -8.25 11.61 19.72
CA CYS A 130 -8.76 12.57 18.78
C CYS A 130 -10.23 12.96 19.10
N LYS A 131 -11.04 11.96 19.43
CA LYS A 131 -12.46 12.20 19.84
C LYS A 131 -12.56 13.16 21.02
N GLU A 132 -11.70 12.92 22.01
CA GLU A 132 -11.67 13.75 23.19
C GLU A 132 -11.36 15.22 22.86
N ARG A 133 -10.62 15.46 21.78
CA ARG A 133 -10.35 16.83 21.31
C ARG A 133 -11.35 17.32 20.27
N GLY A 134 -12.47 16.62 20.09
CA GLY A 134 -13.53 17.09 19.16
C GLY A 134 -13.26 17.01 17.65
N ALA A 135 -12.30 16.17 17.21
CA ALA A 135 -12.04 15.99 15.76
C ALA A 135 -13.10 15.05 15.21
N LEU A 136 -13.45 15.18 13.93
CA LEU A 136 -14.32 14.24 13.19
C LEU A 136 -13.43 12.98 12.93
N THR A 137 -13.95 11.79 13.23
CA THR A 137 -13.20 10.55 13.09
C THR A 137 -13.84 9.58 12.09
N VAL A 138 -12.98 9.00 11.24
CA VAL A 138 -13.40 8.11 10.15
C VAL A 138 -12.59 6.79 10.20
N GLY A 139 -13.30 5.66 10.16
CA GLY A 139 -12.72 4.33 10.26
C GLY A 139 -12.61 3.70 8.88
N ILE A 140 -11.42 3.20 8.52
CA ILE A 140 -11.27 2.40 7.31
C ILE A 140 -10.80 1.02 7.75
N THR A 141 -11.73 0.03 7.73
CA THR A 141 -11.41 -1.27 8.34
C THR A 141 -11.91 -2.46 7.56
N ASN A 142 -11.38 -3.62 7.90
CA ASN A 142 -11.87 -4.85 7.29
C ASN A 142 -12.65 -5.74 8.23
N THR A 143 -13.08 -5.20 9.37
CA THR A 143 -13.77 -6.02 10.38
C THR A 143 -15.00 -5.30 10.93
N VAL A 144 -16.17 -5.74 10.47
CA VAL A 144 -17.44 -5.18 10.94
C VAL A 144 -17.65 -5.52 12.39
N GLY A 145 -18.16 -4.55 13.13
CA GLY A 145 -18.32 -4.67 14.54
C GLY A 145 -17.06 -4.50 15.34
N SER A 146 -15.92 -4.17 14.73
CA SER A 146 -14.68 -3.97 15.54
C SER A 146 -14.75 -2.70 16.37
N SER A 147 -13.92 -2.56 17.40
CA SER A 147 -13.90 -1.35 18.19
C SER A 147 -13.75 -0.08 17.34
N ILE A 148 -12.79 -0.09 16.43
CA ILE A 148 -12.49 1.10 15.61
C ILE A 148 -13.67 1.40 14.70
N SER A 149 -14.24 0.37 14.11
CA SER A 149 -15.46 0.50 13.28
C SER A 149 -16.67 1.08 14.06
N ARG A 150 -16.81 0.70 15.32
CA ARG A 150 -17.90 1.14 16.19
C ARG A 150 -17.67 2.51 16.83
N GLU A 151 -16.42 2.86 17.18
CA GLU A 151 -16.18 4.12 17.88
C GLU A 151 -15.92 5.34 17.01
N THR A 152 -15.71 5.15 15.72
CA THR A 152 -15.63 6.28 14.82
C THR A 152 -17.02 6.91 14.50
N ASP A 153 -17.03 8.17 14.05
CA ASP A 153 -18.25 8.89 13.64
C ASP A 153 -18.87 8.38 12.34
N CYS A 154 -18.00 7.91 11.45
CA CYS A 154 -18.43 7.31 10.18
C CYS A 154 -17.27 6.43 9.70
N GLY A 155 -17.47 5.71 8.61
CA GLY A 155 -16.48 4.73 8.18
C GLY A 155 -16.79 4.04 6.88
N VAL A 156 -15.80 3.31 6.38
CA VAL A 156 -15.91 2.44 5.23
C VAL A 156 -15.35 1.04 5.62
N HIS A 157 -16.18 0.02 5.42
CA HIS A 157 -15.77 -1.37 5.42
C HIS A 157 -15.19 -1.67 4.05
N ILE A 158 -13.91 -2.05 3.97
CA ILE A 158 -13.22 -2.25 2.69
C ILE A 158 -13.73 -3.49 1.93
N ASN A 159 -14.39 -4.38 2.66
CA ASN A 159 -15.07 -5.53 2.10
C ASN A 159 -14.16 -6.49 1.30
N ALA A 160 -12.98 -6.75 1.85
CA ALA A 160 -12.00 -7.66 1.24
C ALA A 160 -12.25 -9.13 1.61
N GLY A 161 -13.04 -9.33 2.65
CA GLY A 161 -13.26 -10.65 3.19
C GLY A 161 -12.19 -11.03 4.18
N PRO A 162 -12.41 -12.14 4.91
CA PRO A 162 -11.45 -12.53 5.94
C PRO A 162 -10.03 -12.72 5.44
N GLU A 163 -9.06 -12.18 6.21
CA GLU A 163 -7.62 -12.29 5.88
C GLU A 163 -6.94 -12.98 7.10
N ILE A 164 -6.46 -14.20 6.83
CA ILE A 164 -5.90 -15.08 7.84
C ILE A 164 -4.37 -15.00 7.92
N GLY A 165 -3.71 -14.90 6.78
CA GLY A 165 -2.28 -14.67 6.78
C GLY A 165 -1.90 -13.45 7.63
N VAL A 166 -0.96 -13.64 8.54
CA VAL A 166 -0.49 -12.52 9.36
C VAL A 166 0.10 -11.41 8.48
N ALA A 167 0.90 -11.78 7.47
CA ALA A 167 1.39 -10.75 6.51
C ALA A 167 0.24 -10.37 5.54
N SER A 168 -0.23 -9.11 5.69
CA SER A 168 -1.41 -8.60 4.94
C SER A 168 -1.11 -8.41 3.48
N THR A 169 -2.10 -8.75 2.65
CA THR A 169 -1.98 -8.70 1.22
C THR A 169 -3.26 -7.97 0.65
N LYS A 170 -4.36 -8.70 0.51
CA LYS A 170 -5.57 -8.13 -0.08
C LYS A 170 -6.11 -6.95 0.73
N ALA A 171 -5.95 -7.00 2.06
CA ALA A 171 -6.44 -5.92 2.89
C ALA A 171 -5.70 -4.62 2.60
N TYR A 172 -4.40 -4.70 2.24
CA TYR A 172 -3.60 -3.51 1.86
C TYR A 172 -4.12 -2.90 0.53
N THR A 173 -4.35 -3.75 -0.45
CA THR A 173 -4.76 -3.27 -1.75
C THR A 173 -6.22 -2.77 -1.70
N SER A 174 -7.06 -3.38 -0.88
CA SER A 174 -8.42 -2.87 -0.64
C SER A 174 -8.49 -1.59 0.20
N GLN A 175 -7.54 -1.40 1.12
CA GLN A 175 -7.43 -0.13 1.86
C GLN A 175 -7.06 0.97 0.90
N PHE A 176 -6.12 0.66 0.03
CA PHE A 176 -5.59 1.57 -0.98
C PHE A 176 -6.76 2.04 -1.91
N VAL A 177 -7.49 1.09 -2.50
CA VAL A 177 -8.65 1.43 -3.35
C VAL A 177 -9.70 2.22 -2.58
N SER A 178 -9.92 1.87 -1.32
CA SER A 178 -10.89 2.57 -0.51
C SER A 178 -10.54 4.09 -0.33
N LEU A 179 -9.26 4.40 -0.08
CA LEU A 179 -8.81 5.76 0.08
C LEU A 179 -8.83 6.50 -1.25
N VAL A 180 -8.50 5.81 -2.34
CA VAL A 180 -8.68 6.44 -3.67
C VAL A 180 -10.16 6.80 -3.92
N MET A 181 -11.10 5.92 -3.57
CA MET A 181 -12.51 6.19 -3.75
C MET A 181 -12.98 7.41 -2.93
N PHE A 182 -12.51 7.50 -1.68
CA PHE A 182 -12.77 8.68 -0.85
C PHE A 182 -12.31 9.96 -1.54
N ALA A 183 -11.08 9.93 -2.07
CA ALA A 183 -10.54 11.06 -2.82
C ALA A 183 -11.38 11.52 -4.01
N LEU A 184 -11.89 10.54 -4.76
CA LEU A 184 -12.78 10.80 -5.91
C LEU A 184 -14.12 11.42 -5.48
N MET A 185 -14.69 10.96 -4.38
CA MET A 185 -15.87 11.62 -3.83
C MET A 185 -15.57 13.07 -3.48
N MET A 186 -14.39 13.34 -2.91
CA MET A 186 -14.02 14.69 -2.44
C MET A 186 -13.94 15.75 -3.50
N CYS A 187 -13.63 15.34 -4.72
CA CYS A 187 -13.44 16.29 -5.81
C CYS A 187 -14.54 16.17 -6.86
N ASP A 188 -15.66 15.56 -6.53
CA ASP A 188 -16.69 15.34 -7.52
C ASP A 188 -17.50 16.63 -7.90
N ASP A 189 -17.23 17.76 -7.29
CA ASP A 189 -17.89 19.02 -7.65
C ASP A 189 -17.01 19.95 -8.44
N ARG A 190 -15.82 19.48 -8.83
CA ARG A 190 -14.86 20.34 -9.51
C ARG A 190 -14.74 20.05 -11.03
N ILE A 191 -15.17 21.01 -11.84
CA ILE A 191 -15.13 20.90 -13.29
C ILE A 191 -13.72 20.61 -13.81
N SER A 192 -12.73 21.28 -13.27
CA SER A 192 -11.36 21.12 -13.76
C SER A 192 -10.78 19.71 -13.43
N MET A 193 -11.39 18.99 -12.51
CA MET A 193 -10.89 17.68 -12.04
C MET A 193 -11.62 16.49 -12.68
N GLN A 194 -12.60 16.73 -13.53
CA GLN A 194 -13.45 15.66 -14.07
C GLN A 194 -12.71 14.72 -15.02
N GLU A 195 -11.84 15.23 -15.88
CA GLU A 195 -11.01 14.36 -16.71
C GLU A 195 -10.06 13.49 -15.89
N ARG A 196 -9.45 14.07 -14.85
CA ARG A 196 -8.63 13.28 -13.91
C ARG A 196 -9.42 12.18 -13.24
N ARG A 197 -10.64 12.47 -12.79
CA ARG A 197 -11.42 11.48 -12.10
C ARG A 197 -11.76 10.31 -13.05
N LYS A 198 -11.99 10.64 -14.31
CA LYS A 198 -12.43 9.67 -15.30
C LYS A 198 -11.23 8.79 -15.69
N GLU A 199 -10.05 9.38 -15.83
CA GLU A 199 -8.79 8.64 -15.98
C GLU A 199 -8.65 7.60 -14.84
N ILE A 200 -8.79 8.06 -13.60
CA ILE A 200 -8.72 7.19 -12.43
C ILE A 200 -9.79 6.11 -12.39
N MET A 201 -11.03 6.45 -12.68
CA MET A 201 -12.06 5.45 -12.67
C MET A 201 -11.91 4.40 -13.79
N LEU A 202 -11.41 4.79 -14.97
CA LEU A 202 -11.15 3.84 -16.03
C LEU A 202 -9.99 2.91 -15.65
N GLY A 203 -9.01 3.40 -14.89
CA GLY A 203 -7.93 2.51 -14.37
C GLY A 203 -8.42 1.47 -13.38
N LEU A 204 -9.29 1.90 -12.47
CA LEU A 204 -9.97 1.01 -11.51
C LEU A 204 -10.82 -0.09 -12.19
N LYS A 205 -11.54 0.31 -13.25
CA LYS A 205 -12.30 -0.64 -14.07
C LYS A 205 -11.38 -1.71 -14.66
N ARG A 206 -10.22 -1.30 -15.18
CA ARG A 206 -9.24 -2.23 -15.75
C ARG A 206 -8.39 -3.03 -14.74
N LEU A 207 -8.40 -2.63 -13.48
CA LEU A 207 -7.44 -3.12 -12.52
C LEU A 207 -7.51 -4.64 -12.25
N PRO A 208 -8.71 -5.20 -12.08
CA PRO A 208 -8.84 -6.66 -11.88
C PRO A 208 -8.19 -7.55 -12.96
N ASP A 209 -8.39 -7.21 -14.23
CA ASP A 209 -7.72 -7.89 -15.32
C ASP A 209 -6.23 -7.68 -15.29
N LEU A 210 -5.78 -6.49 -14.89
CA LEU A 210 -4.34 -6.28 -14.84
C LEU A 210 -3.67 -7.04 -13.68
N ILE A 211 -4.38 -7.23 -12.56
CA ILE A 211 -3.88 -8.01 -11.44
C ILE A 211 -3.79 -9.49 -11.84
N LYS A 212 -4.76 -10.03 -12.60
CA LYS A 212 -4.67 -11.39 -13.11
C LYS A 212 -3.41 -11.58 -13.92
N GLU A 213 -3.06 -10.56 -14.71
CA GLU A 213 -1.86 -10.59 -15.52
C GLU A 213 -0.55 -10.56 -14.70
N VAL A 214 -0.51 -9.76 -13.63
CA VAL A 214 0.63 -9.84 -12.70
C VAL A 214 0.68 -11.22 -12.04
N LEU A 215 -0.44 -11.78 -11.62
CA LEU A 215 -0.39 -13.11 -10.99
C LEU A 215 0.15 -14.24 -11.89
N SER A 216 0.07 -14.06 -13.22
CA SER A 216 0.62 -15.04 -14.16
C SER A 216 2.13 -15.07 -14.14
N MET A 217 2.79 -14.09 -13.53
CA MET A 217 4.24 -14.15 -13.37
C MET A 217 4.73 -14.85 -12.09
N ASP A 218 3.85 -15.51 -11.37
CA ASP A 218 4.23 -16.34 -10.20
C ASP A 218 5.54 -17.18 -10.42
N ASP A 219 5.64 -17.93 -11.54
CA ASP A 219 6.76 -18.86 -11.73
C ASP A 219 8.06 -18.10 -11.84
N GLU A 220 8.02 -16.98 -12.55
CA GLU A 220 9.17 -16.09 -12.64
C GLU A 220 9.64 -15.49 -11.28
N ILE A 221 8.71 -15.20 -10.39
CA ILE A 221 9.04 -14.65 -9.08
C ILE A 221 9.60 -15.77 -8.17
N GLN A 222 9.04 -16.97 -8.29
CA GLN A 222 9.59 -18.16 -7.61
C GLN A 222 11.09 -18.34 -7.97
N LYS A 223 11.40 -18.19 -9.26
CA LYS A 223 12.80 -18.29 -9.70
C LYS A 223 13.71 -17.20 -9.11
N LEU A 224 13.23 -15.96 -9.01
CA LEU A 224 14.01 -14.93 -8.34
C LEU A 224 14.15 -15.22 -6.83
N ALA A 225 13.12 -15.77 -6.21
CA ALA A 225 13.21 -16.11 -4.81
C ALA A 225 14.31 -17.16 -4.64
N THR A 226 14.36 -18.07 -5.61
CA THR A 226 15.44 -19.06 -5.70
C THR A 226 16.83 -18.40 -5.73
N GLU A 227 16.99 -17.28 -6.42
CA GLU A 227 18.25 -16.55 -6.39
C GLU A 227 18.58 -15.79 -5.10
N LEU A 228 17.59 -15.55 -4.23
CA LEU A 228 17.76 -14.63 -3.10
C LEU A 228 17.71 -15.26 -1.73
N TYR A 229 17.21 -16.50 -1.64
CA TYR A 229 16.91 -17.00 -0.30
C TYR A 229 18.13 -17.35 0.57
N HIS A 230 19.32 -17.35 0.02
CA HIS A 230 20.52 -17.43 0.87
C HIS A 230 21.00 -16.07 1.39
N GLN A 231 20.46 -14.96 0.88
CA GLN A 231 20.97 -13.66 1.29
C GLN A 231 20.47 -13.31 2.71
N LYS A 232 21.18 -12.43 3.35
CA LYS A 232 20.84 -11.95 4.69
C LYS A 232 20.16 -10.56 4.66
N SER A 233 20.46 -9.75 3.64
CA SER A 233 19.85 -8.42 3.42
C SER A 233 19.27 -8.21 2.01
N VAL A 234 18.32 -7.29 1.92
CA VAL A 234 17.97 -6.71 0.60
C VAL A 234 17.46 -5.29 0.78
N LEU A 235 17.93 -4.38 -0.06
CA LEU A 235 17.49 -2.99 -0.06
C LEU A 235 16.50 -2.78 -1.20
N ILE A 236 15.32 -2.25 -0.85
CA ILE A 236 14.22 -2.01 -1.76
C ILE A 236 14.07 -0.48 -1.85
N MET A 237 14.30 0.07 -3.04
CA MET A 237 14.37 1.50 -3.24
C MET A 237 13.25 1.92 -4.20
N GLY A 238 12.57 3.00 -3.83
CA GLY A 238 11.57 3.67 -4.69
C GLY A 238 11.31 5.09 -4.21
N ARG A 239 10.67 5.88 -5.07
CA ARG A 239 10.23 7.21 -4.69
C ARG A 239 8.82 7.57 -5.16
N GLY A 240 8.33 8.67 -4.59
CA GLY A 240 7.02 9.22 -5.01
C GLY A 240 5.95 8.21 -4.70
N TYR A 241 5.07 7.97 -5.69
CA TYR A 241 4.01 7.00 -5.52
C TYR A 241 4.52 5.63 -5.04
N HIS A 242 5.75 5.25 -5.42
CA HIS A 242 6.34 3.94 -5.02
C HIS A 242 7.19 3.85 -3.76
N TYR A 243 7.21 4.94 -3.04
CA TYR A 243 7.85 4.92 -1.73
C TYR A 243 7.13 3.94 -0.82
N ALA A 244 5.81 4.06 -0.70
CA ALA A 244 5.00 3.10 0.09
C ALA A 244 5.22 1.63 -0.31
N THR A 245 5.31 1.35 -1.63
CA THR A 245 5.57 0.01 -2.15
C THR A 245 6.89 -0.64 -1.64
N CYS A 246 7.97 0.13 -1.62
CA CYS A 246 9.29 -0.27 -1.07
C CYS A 246 9.19 -0.49 0.43
N LEU A 247 8.45 0.36 1.15
CA LEU A 247 8.32 0.15 2.60
C LEU A 247 7.53 -1.10 2.91
N GLU A 248 6.47 -1.28 2.12
CA GLU A 248 5.54 -2.42 2.31
C GLU A 248 6.17 -3.75 1.91
N GLY A 249 6.87 -3.80 0.78
CA GLY A 249 7.59 -5.00 0.43
C GLY A 249 8.66 -5.35 1.46
N ALA A 250 9.38 -4.34 1.94
CA ALA A 250 10.38 -4.52 2.99
C ALA A 250 9.81 -5.13 4.27
N LEU A 251 8.65 -4.64 4.71
CA LEU A 251 7.98 -5.19 5.89
C LEU A 251 7.54 -6.65 5.70
N LYS A 252 6.99 -6.94 4.52
CA LYS A 252 6.46 -8.25 4.22
C LYS A 252 7.59 -9.29 4.26
N ILE A 253 8.75 -8.94 3.71
CA ILE A 253 9.92 -9.85 3.68
C ILE A 253 10.44 -10.04 5.13
N LYS A 254 10.51 -8.95 5.90
CA LYS A 254 10.93 -9.06 7.34
C LYS A 254 10.00 -10.02 8.07
N GLU A 255 8.70 -9.81 7.89
CA GLU A 255 7.65 -10.50 8.65
C GLU A 255 7.66 -12.05 8.61
N ILE A 256 7.78 -12.63 7.40
CA ILE A 256 7.65 -14.06 7.21
C ILE A 256 8.93 -14.76 6.73
N THR A 257 9.93 -14.00 6.32
CA THR A 257 11.19 -14.59 5.87
C THR A 257 12.35 -14.35 6.87
N TYR A 258 12.23 -13.34 7.74
CA TYR A 258 13.25 -12.94 8.71
C TYR A 258 14.59 -12.46 8.11
N MET A 259 14.61 -12.21 6.80
CA MET A 259 15.73 -11.53 6.11
C MET A 259 15.70 -10.04 6.43
N HIS A 260 16.88 -9.40 6.48
CA HIS A 260 16.96 -8.00 6.83
C HIS A 260 16.68 -7.15 5.60
N SER A 261 15.40 -7.00 5.29
CA SER A 261 14.96 -6.13 4.18
C SER A 261 14.61 -4.75 4.69
N GLU A 262 15.06 -3.73 3.98
CA GLU A 262 14.86 -2.35 4.41
C GLU A 262 14.42 -1.50 3.21
N GLY A 263 13.33 -0.73 3.38
CA GLY A 263 12.93 0.22 2.36
C GLY A 263 13.73 1.51 2.42
N ILE A 264 14.27 1.91 1.29
CA ILE A 264 15.06 3.14 1.18
C ILE A 264 14.41 4.14 0.19
N LEU A 265 14.12 5.33 0.68
CA LEU A 265 13.62 6.41 -0.17
C LEU A 265 14.65 6.73 -1.21
N ALA A 266 14.29 6.66 -2.48
CA ALA A 266 15.35 6.65 -3.51
C ALA A 266 16.08 8.02 -3.57
N GLY A 267 15.36 9.11 -3.33
CA GLY A 267 15.97 10.40 -3.26
C GLY A 267 16.99 10.58 -2.14
N GLU A 268 16.94 9.71 -1.12
CA GLU A 268 17.88 9.74 -0.01
C GLU A 268 19.19 8.95 -0.25
N LEU A 269 19.23 8.13 -1.32
CA LEU A 269 20.41 7.29 -1.63
C LEU A 269 21.72 7.99 -1.44
N LYS A 270 21.87 9.17 -2.06
CA LYS A 270 23.15 9.87 -2.02
C LYS A 270 23.41 10.54 -0.70
N HIS A 271 22.44 10.44 0.23
CA HIS A 271 22.60 11.02 1.56
C HIS A 271 23.06 10.00 2.60
N GLY A 272 23.71 8.91 2.16
CA GLY A 272 24.25 7.91 3.09
C GLY A 272 24.07 6.45 2.69
N PRO A 273 22.81 6.05 2.50
CA PRO A 273 22.60 4.63 2.14
C PRO A 273 23.37 4.09 0.96
N LEU A 274 23.82 4.94 0.03
CA LEU A 274 24.56 4.47 -1.11
C LEU A 274 25.88 3.79 -0.73
N ALA A 275 26.45 4.15 0.43
CA ALA A 275 27.64 3.45 1.03
C ALA A 275 27.47 1.93 1.23
N LEU A 276 26.24 1.48 1.43
CA LEU A 276 25.94 0.05 1.52
C LEU A 276 26.00 -0.69 0.19
N VAL A 277 25.94 0.02 -0.94
CA VAL A 277 25.85 -0.64 -2.25
C VAL A 277 27.23 -1.11 -2.75
N ASP A 278 27.33 -2.41 -3.00
CA ASP A 278 28.41 -2.96 -3.80
C ASP A 278 27.88 -4.23 -4.52
N LYS A 279 28.76 -5.00 -5.19
CA LYS A 279 28.25 -6.15 -5.97
C LYS A 279 27.64 -7.25 -5.14
N LEU A 280 27.85 -7.27 -3.83
CA LEU A 280 27.32 -8.31 -2.96
C LEU A 280 25.99 -7.92 -2.23
N MET A 281 25.58 -6.65 -2.23
CA MET A 281 24.32 -6.25 -1.55
C MET A 281 23.12 -6.43 -2.47
N PRO A 282 22.22 -7.36 -2.18
CA PRO A 282 21.06 -7.40 -3.07
C PRO A 282 20.25 -6.09 -3.04
N VAL A 283 19.87 -5.62 -4.23
CA VAL A 283 19.04 -4.42 -4.38
C VAL A 283 17.83 -4.68 -5.33
N ILE A 284 16.64 -4.28 -4.88
CA ILE A 284 15.44 -4.18 -5.77
C ILE A 284 15.07 -2.66 -5.94
N MET A 285 15.08 -2.20 -7.19
CA MET A 285 14.68 -0.85 -7.56
C MET A 285 13.30 -0.82 -8.28
N ILE A 286 12.44 0.11 -7.90
CA ILE A 286 11.14 0.27 -8.56
C ILE A 286 11.22 1.54 -9.36
N ILE A 287 10.84 1.47 -10.64
CA ILE A 287 10.85 2.62 -11.56
C ILE A 287 9.51 2.60 -12.29
N MET A 288 8.70 3.64 -12.16
CA MET A 288 7.49 3.69 -12.95
C MET A 288 7.50 4.92 -13.84
N ARG A 289 6.65 4.85 -14.87
CA ARG A 289 6.56 5.95 -15.83
C ARG A 289 5.50 6.89 -15.33
N ASP A 290 5.90 7.67 -14.32
CA ASP A 290 5.13 8.78 -13.83
C ASP A 290 6.11 9.94 -13.87
N HIS A 291 5.80 11.03 -13.18
CA HIS A 291 6.64 12.20 -13.27
C HIS A 291 7.98 12.06 -12.53
N THR A 292 8.17 11.00 -11.74
CA THR A 292 9.51 10.77 -11.10
C THR A 292 10.50 9.94 -11.95
N TYR A 293 10.14 9.62 -13.20
CA TYR A 293 10.87 8.63 -14.00
C TYR A 293 12.36 8.95 -14.16
N ALA A 294 12.67 10.18 -14.59
CA ALA A 294 14.04 10.63 -14.87
C ALA A 294 14.90 10.56 -13.59
N LYS A 295 14.31 10.96 -12.46
CA LYS A 295 14.99 10.88 -11.16
C LYS A 295 15.19 9.44 -10.67
N CYS A 296 14.23 8.56 -10.93
CA CYS A 296 14.45 7.14 -10.69
C CYS A 296 15.54 6.54 -11.62
N GLN A 297 15.56 6.94 -12.90
CA GLN A 297 16.62 6.51 -13.79
C GLN A 297 17.96 6.98 -13.22
N ASN A 298 18.03 8.18 -12.62
CA ASN A 298 19.28 8.62 -11.93
C ASN A 298 19.68 7.68 -10.75
N ALA A 299 18.72 7.35 -9.89
CA ALA A 299 19.02 6.41 -8.80
C ALA A 299 19.61 5.10 -9.31
N LEU A 300 19.00 4.54 -10.36
CA LEU A 300 19.42 3.29 -10.97
C LEU A 300 20.84 3.33 -11.47
N GLN A 301 21.13 4.36 -12.27
CA GLN A 301 22.48 4.63 -12.78
C GLN A 301 23.49 4.72 -11.64
N GLN A 302 23.13 5.39 -10.54
CA GLN A 302 24.03 5.51 -9.39
C GLN A 302 24.28 4.17 -8.64
N VAL A 303 23.26 3.33 -8.47
CA VAL A 303 23.43 1.96 -7.95
C VAL A 303 24.36 1.13 -8.84
N VAL A 304 24.18 1.18 -10.17
CA VAL A 304 25.02 0.44 -11.17
C VAL A 304 26.44 1.02 -11.20
N ALA A 305 26.59 2.33 -11.10
CA ALA A 305 27.93 2.92 -11.07
C ALA A 305 28.81 2.45 -9.90
N ARG A 306 28.16 2.00 -8.83
CA ARG A 306 28.85 1.56 -7.60
C ARG A 306 28.85 0.05 -7.51
N GLN A 307 28.64 -0.62 -8.63
CA GLN A 307 28.77 -2.09 -8.75
C GLN A 307 27.60 -2.91 -8.27
N GLY A 308 26.51 -2.24 -7.86
CA GLY A 308 25.25 -2.94 -7.55
C GLY A 308 24.68 -3.64 -8.79
N ARG A 309 23.95 -4.74 -8.56
CA ARG A 309 23.33 -5.55 -9.62
C ARG A 309 21.85 -5.68 -9.38
N PRO A 310 21.11 -4.56 -9.58
CA PRO A 310 19.74 -4.49 -9.10
C PRO A 310 18.78 -5.35 -9.91
N VAL A 311 17.77 -5.88 -9.22
CA VAL A 311 16.55 -6.34 -9.85
C VAL A 311 15.62 -5.12 -9.95
N VAL A 312 15.08 -4.86 -11.15
CA VAL A 312 14.25 -3.65 -11.41
C VAL A 312 12.78 -4.02 -11.71
N ILE A 313 11.87 -3.55 -10.87
CA ILE A 313 10.44 -3.66 -11.13
C ILE A 313 10.08 -2.44 -11.96
N CYS A 314 9.74 -2.67 -13.23
CA CYS A 314 9.32 -1.59 -14.08
C CYS A 314 8.01 -1.92 -14.81
N ASP A 315 7.50 -0.98 -15.58
CA ASP A 315 6.34 -1.34 -16.40
C ASP A 315 6.67 -1.92 -17.79
N LYS A 316 5.79 -2.80 -18.27
CA LYS A 316 5.97 -3.62 -19.49
C LYS A 316 6.23 -2.81 -20.73
N GLU A 317 5.76 -1.57 -20.75
CA GLU A 317 5.92 -0.72 -21.91
C GLU A 317 7.09 0.28 -21.73
N ASP A 318 7.89 0.10 -20.69
CA ASP A 318 9.03 0.96 -20.41
C ASP A 318 10.21 0.41 -21.22
N THR A 319 10.21 0.77 -22.50
CA THR A 319 11.14 0.18 -23.49
C THR A 319 12.58 0.53 -23.11
N GLU A 320 12.81 1.78 -22.71
CA GLU A 320 14.18 2.20 -22.42
C GLU A 320 14.82 1.43 -21.22
N THR A 321 14.10 1.18 -20.12
CA THR A 321 14.72 0.39 -19.04
C THR A 321 14.72 -1.12 -19.27
N ILE A 322 13.76 -1.63 -20.03
CA ILE A 322 13.79 -3.05 -20.39
C ILE A 322 15.04 -3.32 -21.27
N LYS A 323 15.22 -2.46 -22.28
CA LYS A 323 16.37 -2.46 -23.22
C LYS A 323 17.72 -2.43 -22.52
N ASN A 324 17.86 -1.53 -21.55
CA ASN A 324 19.15 -1.25 -20.89
C ASN A 324 19.42 -2.00 -19.58
N THR A 325 18.54 -2.92 -19.17
CA THR A 325 18.65 -3.59 -17.85
C THR A 325 18.37 -5.08 -17.98
N LYS A 326 19.20 -5.93 -17.34
CA LYS A 326 19.09 -7.38 -17.58
C LYS A 326 18.02 -8.05 -16.77
N ARG A 327 17.85 -7.62 -15.53
CA ARG A 327 16.89 -8.27 -14.65
C ARG A 327 15.71 -7.31 -14.41
N THR A 328 14.61 -7.55 -15.13
CA THR A 328 13.36 -6.79 -14.93
C THR A 328 12.18 -7.70 -14.59
N ILE A 329 11.35 -7.23 -13.64
CA ILE A 329 10.02 -7.76 -13.38
C ILE A 329 9.10 -6.70 -13.98
N LYS A 330 8.38 -7.10 -15.03
CA LYS A 330 7.68 -6.18 -15.90
C LYS A 330 6.19 -6.26 -15.57
N VAL A 331 5.66 -5.26 -14.89
CA VAL A 331 4.24 -5.25 -14.56
C VAL A 331 3.40 -4.39 -15.55
N PRO A 332 2.11 -4.70 -15.67
CA PRO A 332 1.29 -3.92 -16.58
C PRO A 332 1.23 -2.42 -16.16
N HIS A 333 1.01 -1.58 -17.15
CA HIS A 333 0.89 -0.14 -16.99
C HIS A 333 -0.51 0.23 -16.54
N SER A 334 -0.61 1.06 -15.50
CA SER A 334 -1.89 1.65 -15.04
C SER A 334 -1.70 3.14 -14.82
N VAL A 335 -2.71 3.81 -14.26
CA VAL A 335 -2.53 5.22 -13.91
C VAL A 335 -1.59 5.38 -12.71
N ASP A 336 -0.89 6.51 -12.72
CA ASP A 336 0.22 6.77 -11.78
C ASP A 336 -0.17 6.52 -10.33
N CYS A 337 -1.34 7.01 -9.92
CA CYS A 337 -1.79 6.84 -8.55
C CYS A 337 -2.46 5.49 -8.22
N LEU A 338 -2.57 4.59 -9.21
CA LEU A 338 -2.94 3.16 -8.97
C LEU A 338 -1.83 2.12 -9.17
N GLN A 339 -0.72 2.54 -9.79
CA GLN A 339 0.36 1.66 -10.20
C GLN A 339 0.90 0.82 -9.03
N GLY A 340 0.99 1.42 -7.85
CA GLY A 340 1.44 0.68 -6.65
C GLY A 340 0.60 -0.48 -6.21
N ILE A 341 -0.67 -0.52 -6.61
CA ILE A 341 -1.49 -1.72 -6.41
C ILE A 341 -0.91 -2.90 -7.20
N LEU A 342 -0.43 -2.63 -8.41
CA LEU A 342 0.18 -3.64 -9.26
C LEU A 342 1.64 -3.95 -8.87
N SER A 343 2.43 -2.91 -8.60
CA SER A 343 3.84 -3.06 -8.22
C SER A 343 4.14 -3.79 -6.92
N VAL A 344 3.22 -3.74 -5.99
CA VAL A 344 3.44 -4.39 -4.69
C VAL A 344 3.27 -5.92 -4.81
N ILE A 345 2.55 -6.40 -5.83
CA ILE A 345 2.15 -7.80 -5.85
C ILE A 345 3.31 -8.75 -6.05
N PRO A 346 4.23 -8.44 -6.97
CA PRO A 346 5.43 -9.28 -7.05
C PRO A 346 6.22 -9.34 -5.76
N LEU A 347 6.14 -8.29 -4.96
CA LEU A 347 6.85 -8.26 -3.67
C LEU A 347 6.13 -9.08 -2.63
N GLN A 348 4.80 -9.10 -2.68
CA GLN A 348 3.98 -10.02 -1.86
C GLN A 348 4.34 -11.48 -2.20
N LEU A 349 4.35 -11.78 -3.50
CA LEU A 349 4.69 -13.13 -3.98
C LEU A 349 6.16 -13.50 -3.67
N LEU A 350 7.07 -12.54 -3.77
CA LEU A 350 8.50 -12.81 -3.41
C LEU A 350 8.68 -13.15 -1.91
N ALA A 351 8.04 -12.37 -1.03
CA ALA A 351 8.05 -12.72 0.41
C ALA A 351 7.53 -14.16 0.66
N PHE A 352 6.39 -14.50 0.06
CA PHE A 352 5.77 -15.84 0.11
C PHE A 352 6.76 -16.96 -0.31
N HIS A 353 7.31 -16.87 -1.52
CA HIS A 353 8.21 -17.89 -2.05
C HIS A 353 9.53 -18.02 -1.25
N LEU A 354 10.10 -16.90 -0.77
CA LEU A 354 11.26 -16.90 0.09
C LEU A 354 10.99 -17.63 1.36
N ALA A 355 9.87 -17.32 2.01
CA ALA A 355 9.47 -18.07 3.21
C ALA A 355 9.33 -19.59 2.91
N VAL A 356 8.66 -19.97 1.82
CA VAL A 356 8.58 -21.41 1.47
C VAL A 356 9.98 -22.07 1.35
N LEU A 357 10.87 -21.46 0.57
CA LEU A 357 12.18 -21.98 0.37
C LEU A 357 12.99 -22.10 1.65
N ARG A 358 12.70 -21.26 2.66
CA ARG A 358 13.49 -21.28 3.89
C ARG A 358 12.87 -22.19 4.92
N GLY A 359 11.72 -22.77 4.62
CA GLY A 359 11.11 -23.68 5.57
C GLY A 359 10.24 -23.03 6.63
N TYR A 360 9.83 -21.77 6.43
CA TYR A 360 9.09 -21.05 7.48
C TYR A 360 7.58 -21.06 7.25
N ASP A 361 6.81 -20.86 8.32
CA ASP A 361 5.33 -20.86 8.22
C ASP A 361 4.88 -19.52 7.63
N VAL A 362 4.37 -19.58 6.39
CA VAL A 362 3.99 -18.38 5.73
C VAL A 362 2.83 -17.67 6.38
N ASP A 363 1.91 -18.41 6.99
CA ASP A 363 0.69 -17.81 7.55
C ASP A 363 0.85 -17.28 8.99
N PHE A 364 1.63 -17.98 9.79
CA PHE A 364 1.78 -17.73 11.21
C PHE A 364 3.28 -17.61 11.59
N PRO A 365 3.92 -16.48 11.21
CA PRO A 365 5.35 -16.34 11.49
C PRO A 365 5.64 -16.29 12.97
N ARG A 366 6.91 -16.47 13.33
CA ARG A 366 7.32 -16.44 14.73
C ARG A 366 7.19 -15.01 15.29
N ASN A 367 6.84 -14.91 16.58
CA ASN A 367 6.99 -13.65 17.38
C ASN A 367 5.86 -12.64 17.11
N LEU A 368 4.90 -13.01 16.25
CA LEU A 368 3.85 -12.10 15.75
C LEU A 368 2.46 -12.66 15.88
N ALA A 369 1.48 -11.76 15.84
CA ALA A 369 0.03 -12.10 15.89
C ALA A 369 -0.68 -11.25 14.84
N LYS A 370 -1.83 -11.69 14.39
CA LYS A 370 -2.61 -10.92 13.39
C LYS A 370 -3.00 -9.50 13.86
N SER A 371 -3.32 -9.35 15.14
CA SER A 371 -3.74 -8.08 15.70
C SER A 371 -3.04 -7.88 17.02
N VAL A 372 -2.48 -6.69 17.23
CA VAL A 372 -1.78 -6.34 18.45
C VAL A 372 -2.75 -5.51 19.31
N THR A 373 -3.46 -6.21 20.20
CA THR A 373 -4.62 -5.66 20.92
C THR A 373 -4.27 -5.16 22.34
N VAL A 374 -3.08 -5.46 22.83
CA VAL A 374 -2.71 -5.08 24.20
C VAL A 374 -1.59 -4.00 24.31
N GLU A 375 -0.33 -4.35 24.14
CA GLU A 375 0.78 -3.51 24.71
C GLU A 375 2.01 -4.39 24.97
C1 AGP B . 1.08 -6.44 8.39
O1 AGP B . 1.44 -7.44 7.45
C2 AGP B . 1.39 -6.76 9.83
N2 AGP B . 0.53 -7.88 10.27
C3 AGP B . 1.25 -5.52 10.75
O3 AGP B . 2.22 -4.55 10.37
C4 AGP B . -0.15 -4.86 10.80
O4 AGP B . -0.36 -4.03 9.67
C5 AGP B . -0.31 -4.06 12.11
O5 AGP B . -0.20 -4.91 13.27
C6 AGP B . -1.62 -3.28 12.19
O6 AGP B . -2.76 -4.15 12.14
P AGP B . -4.23 -3.59 11.68
O1P AGP B . -5.14 -4.69 12.10
O2P AGP B . -4.50 -2.32 12.48
O3P AGP B . -4.06 -3.31 10.18
#